data_3K5X
#
_entry.id   3K5X
#
_cell.length_a   96.910
_cell.length_b   96.910
_cell.length_c   104.190
_cell.angle_alpha   90.00
_cell.angle_beta   90.00
_cell.angle_gamma   120.00
#
_symmetry.space_group_name_H-M   'P 31 2 1'
#
loop_
_entity.id
_entity.type
_entity.pdbx_description
1 polymer Dipeptidase
2 non-polymer 'phosphinate pseudodipeptide L-Ala-D-Asp'
3 non-polymer 'ZINC ION'
4 water water
#
_entity_poly.entity_id   1
_entity_poly.type   'polypeptide(L)'
_entity_poly.pdbx_seq_one_letter_code
;MTSLEKARELLREFPVVDGHNDLPWALREQVRYDLDARDIAADQSAHLHTDLARLRSGGVGAQYWSVYVRSDLPGAVTAT
LEQIDCVRRLIDRHPGELRAALTAADMEAARAEGRIASLMGAEGGHSIDNSLATLRALYALGVRYMTLTHNDNNAWADSA
TDEPGVGGLSAFGREVVREMNREGMLVDLSHVAATTMRDALDTSTAPVIFSHSSSRAVCDHPRNIPDDVLERLSANGGMA
MVTFVPKFVLQAAVDWTAEADDNMRAHGFHHLDSSPEAMKVHAAFEERVPRPVATVSTVADHLDHMREVAGVDHLGIGGD
YDGTPFTPDGLGDVSGYPNLIAELLDRGWSQSDLAKLTWKNAVRVLDAAEDVSRGLRAARGPSNATIEQLDGTAAEQPEG
;
_entity_poly.pdbx_strand_id   A
#
# COMPACT_ATOMS: atom_id res chain seq x y z
N MET A 1 -32.95 4.51 4.75
CA MET A 1 -32.23 3.60 3.83
C MET A 1 -31.31 2.67 4.61
N THR A 2 -30.82 1.62 3.95
CA THR A 2 -29.93 0.66 4.59
C THR A 2 -28.54 1.28 4.76
N SER A 3 -27.72 0.63 5.57
CA SER A 3 -26.36 1.13 5.81
C SER A 3 -25.55 1.07 4.51
N LEU A 4 -25.84 0.07 3.69
CA LEU A 4 -25.13 -0.08 2.42
C LEU A 4 -25.53 1.06 1.49
N GLU A 5 -26.82 1.38 1.45
CA GLU A 5 -27.29 2.47 0.61
C GLU A 5 -26.68 3.79 1.08
N LYS A 6 -26.60 3.98 2.39
CA LYS A 6 -26.03 5.20 2.95
C LYS A 6 -24.54 5.25 2.62
N ALA A 7 -23.87 4.10 2.72
CA ALA A 7 -22.44 4.03 2.43
C ALA A 7 -22.16 4.52 1.01
N ARG A 8 -22.98 4.08 0.06
CA ARG A 8 -22.79 4.48 -1.33
C ARG A 8 -22.98 5.99 -1.49
N GLU A 9 -23.95 6.55 -0.78
CA GLU A 9 -24.19 7.98 -0.85
C GLU A 9 -22.98 8.74 -0.30
N LEU A 10 -22.45 8.26 0.82
CA LEU A 10 -21.29 8.91 1.43
C LEU A 10 -20.07 8.85 0.52
N LEU A 11 -19.88 7.71 -0.14
CA LEU A 11 -18.74 7.55 -1.03
C LEU A 11 -18.85 8.39 -2.30
N ARG A 12 -20.07 8.74 -2.68
CA ARG A 12 -20.25 9.58 -3.86
C ARG A 12 -19.76 10.99 -3.57
N GLU A 13 -19.84 11.40 -2.30
CA GLU A 13 -19.38 12.73 -1.90
C GLU A 13 -17.89 12.74 -1.59
N PHE A 14 -17.46 11.75 -0.82
CA PHE A 14 -16.05 11.63 -0.44
C PHE A 14 -15.62 10.18 -0.68
N PRO A 15 -15.15 9.90 -1.90
CA PRO A 15 -14.72 8.57 -2.29
C PRO A 15 -13.43 8.07 -1.64
N VAL A 16 -13.14 6.81 -1.88
CA VAL A 16 -11.96 6.18 -1.33
C VAL A 16 -10.68 6.53 -2.09
N VAL A 17 -9.64 6.85 -1.33
CA VAL A 17 -8.32 7.09 -1.89
C VAL A 17 -7.64 5.81 -1.42
N ASP A 18 -7.46 4.85 -2.33
CA ASP A 18 -6.83 3.60 -1.94
C ASP A 18 -5.31 3.73 -2.05
N GLY A 19 -4.63 3.29 -0.99
CA GLY A 19 -3.19 3.41 -0.95
C GLY A 19 -2.30 2.42 -1.67
N HIS A 20 -2.84 1.30 -2.14
CA HIS A 20 -1.99 0.32 -2.81
C HIS A 20 -2.75 -0.73 -3.61
N ASN A 21 -2.65 -0.64 -4.93
CA ASN A 21 -3.30 -1.59 -5.84
C ASN A 21 -2.21 -2.04 -6.80
N ASP A 22 -1.99 -3.35 -6.90
CA ASP A 22 -0.95 -3.91 -7.76
C ASP A 22 -1.37 -4.33 -9.17
N LEU A 23 -2.36 -3.65 -9.72
CA LEU A 23 -2.80 -3.96 -11.08
C LEU A 23 -1.62 -4.00 -12.06
N PRO A 24 -0.68 -3.04 -11.96
CA PRO A 24 0.45 -3.07 -12.90
C PRO A 24 1.22 -4.39 -12.87
N TRP A 25 1.55 -4.86 -11.66
CA TRP A 25 2.29 -6.10 -11.55
C TRP A 25 1.46 -7.27 -12.09
N ALA A 26 0.16 -7.25 -11.83
CA ALA A 26 -0.71 -8.32 -12.31
C ALA A 26 -0.71 -8.34 -13.83
N LEU A 27 -0.71 -7.16 -14.45
CA LEU A 27 -0.69 -7.07 -15.90
C LEU A 27 0.66 -7.53 -16.44
N ARG A 28 1.72 -7.23 -15.70
CA ARG A 28 3.07 -7.63 -16.09
C ARG A 28 3.18 -9.15 -16.10
N GLU A 29 2.70 -9.77 -15.02
CA GLU A 29 2.78 -11.22 -14.88
C GLU A 29 1.79 -12.01 -15.73
N GLN A 30 0.55 -11.53 -15.81
CA GLN A 30 -0.48 -12.23 -16.58
C GLN A 30 -0.36 -12.15 -18.09
N VAL A 31 -0.12 -10.94 -18.61
CA VAL A 31 -0.03 -10.75 -20.06
C VAL A 31 1.13 -9.90 -20.53
N ARG A 32 2.13 -9.73 -19.68
CA ARG A 32 3.31 -8.92 -20.00
C ARG A 32 2.92 -7.59 -20.62
N TYR A 33 1.98 -6.90 -19.97
CA TYR A 33 1.51 -5.59 -20.40
C TYR A 33 0.72 -5.53 -21.70
N ASP A 34 0.18 -6.65 -22.15
CA ASP A 34 -0.64 -6.66 -23.36
C ASP A 34 -1.99 -6.18 -22.83
N LEU A 35 -2.14 -4.86 -22.72
CA LEU A 35 -3.35 -4.26 -22.18
C LEU A 35 -4.67 -4.63 -22.85
N ASP A 36 -4.63 -4.94 -24.14
CA ASP A 36 -5.85 -5.32 -24.84
C ASP A 36 -6.37 -6.66 -24.34
N ALA A 37 -5.47 -7.49 -23.82
CA ALA A 37 -5.84 -8.81 -23.32
C ALA A 37 -6.50 -8.73 -21.94
N ARG A 38 -6.38 -7.59 -21.29
CA ARG A 38 -6.97 -7.37 -19.96
C ARG A 38 -7.55 -5.95 -19.89
N ASP A 39 -8.21 -5.54 -20.97
CA ASP A 39 -8.80 -4.20 -21.05
C ASP A 39 -9.68 -3.92 -19.84
N ILE A 40 -9.28 -2.96 -19.00
CA ILE A 40 -10.07 -2.65 -17.83
C ILE A 40 -11.34 -1.85 -18.13
N ALA A 41 -11.58 -1.60 -19.41
CA ALA A 41 -12.80 -0.89 -19.83
C ALA A 41 -13.86 -1.97 -19.99
N ALA A 42 -13.44 -3.22 -19.84
CA ALA A 42 -14.32 -4.38 -19.94
C ALA A 42 -14.28 -5.13 -18.61
N ASP A 43 -15.16 -6.13 -18.47
CA ASP A 43 -15.23 -6.92 -17.24
C ASP A 43 -14.06 -7.89 -17.12
N GLN A 44 -13.19 -7.66 -16.14
CA GLN A 44 -12.02 -8.52 -15.93
C GLN A 44 -12.13 -9.37 -14.67
N SER A 45 -13.36 -9.55 -14.17
CA SER A 45 -13.59 -10.33 -12.95
C SER A 45 -13.00 -11.73 -12.94
N ALA A 46 -12.82 -12.33 -14.11
CA ALA A 46 -12.27 -13.67 -14.18
C ALA A 46 -10.76 -13.73 -13.98
N HIS A 47 -10.08 -12.60 -14.14
CA HIS A 47 -8.63 -12.57 -14.01
C HIS A 47 -8.07 -11.60 -12.98
N LEU A 48 -8.78 -10.51 -12.75
CA LEU A 48 -8.30 -9.47 -11.85
C LEU A 48 -9.31 -8.98 -10.82
N HIS A 49 -8.80 -8.36 -9.76
CA HIS A 49 -9.62 -7.77 -8.71
C HIS A 49 -10.08 -6.41 -9.21
N THR A 50 -9.36 -5.88 -10.21
CA THR A 50 -9.61 -4.55 -10.72
C THR A 50 -10.00 -4.32 -12.17
N ASP A 51 -10.93 -3.40 -12.36
CA ASP A 51 -11.34 -2.88 -13.68
C ASP A 51 -12.12 -1.60 -13.42
N LEU A 52 -12.29 -0.78 -14.44
CA LEU A 52 -12.96 0.51 -14.28
C LEU A 52 -14.37 0.47 -13.71
N ALA A 53 -15.19 -0.43 -14.20
CA ALA A 53 -16.57 -0.52 -13.71
C ALA A 53 -16.63 -0.87 -12.23
N ARG A 54 -15.79 -1.82 -11.80
CA ARG A 54 -15.80 -2.21 -10.40
C ARG A 54 -15.21 -1.14 -9.50
N LEU A 55 -14.26 -0.35 -10.02
CA LEU A 55 -13.68 0.72 -9.22
C LEU A 55 -14.77 1.76 -8.96
N ARG A 56 -15.60 2.02 -9.97
CA ARG A 56 -16.68 2.99 -9.83
C ARG A 56 -17.73 2.47 -8.85
N SER A 57 -18.10 1.20 -9.00
CA SER A 57 -19.09 0.60 -8.12
C SER A 57 -18.57 0.60 -6.67
N GLY A 58 -17.25 0.46 -6.53
CA GLY A 58 -16.65 0.43 -5.21
C GLY A 58 -16.47 1.80 -4.57
N GLY A 59 -16.68 2.86 -5.33
CA GLY A 59 -16.53 4.20 -4.79
C GLY A 59 -15.10 4.68 -4.67
N VAL A 60 -14.22 4.17 -5.53
CA VAL A 60 -12.82 4.58 -5.49
C VAL A 60 -12.68 5.86 -6.30
N GLY A 61 -12.22 6.93 -5.64
CA GLY A 61 -12.05 8.20 -6.30
C GLY A 61 -10.60 8.56 -6.60
N ALA A 62 -9.68 7.83 -5.98
CA ALA A 62 -8.27 8.06 -6.20
C ALA A 62 -7.54 6.75 -5.93
N GLN A 63 -6.54 6.45 -6.74
CA GLN A 63 -5.79 5.22 -6.57
C GLN A 63 -4.29 5.40 -6.69
N TYR A 64 -3.58 4.92 -5.68
CA TYR A 64 -2.13 4.94 -5.75
C TYR A 64 -1.83 3.60 -6.41
N TRP A 65 -1.41 3.66 -7.68
CA TRP A 65 -1.08 2.45 -8.42
C TRP A 65 0.34 2.06 -8.05
N SER A 66 0.50 0.84 -7.58
CA SER A 66 1.81 0.34 -7.19
C SER A 66 2.69 0.03 -8.39
N VAL A 67 3.94 0.47 -8.33
CA VAL A 67 4.89 0.16 -9.40
C VAL A 67 5.94 -0.81 -8.86
N TYR A 68 5.47 -1.66 -7.96
CA TYR A 68 6.27 -2.70 -7.33
C TYR A 68 7.02 -3.57 -8.34
N VAL A 69 8.20 -4.02 -7.95
CA VAL A 69 9.01 -4.95 -8.75
C VAL A 69 9.69 -5.86 -7.73
N ARG A 70 10.02 -7.08 -8.13
CA ARG A 70 10.67 -8.01 -7.22
C ARG A 70 12.07 -7.57 -6.81
N SER A 71 12.38 -7.75 -5.53
CA SER A 71 13.68 -7.35 -5.02
C SER A 71 14.69 -8.49 -5.10
N ASP A 72 14.21 -9.68 -5.50
CA ASP A 72 15.08 -10.85 -5.61
C ASP A 72 15.47 -11.15 -7.05
N LEU A 73 15.27 -10.17 -7.93
CA LEU A 73 15.63 -10.31 -9.33
C LEU A 73 16.43 -9.07 -9.75
N PRO A 74 17.36 -9.22 -10.68
CA PRO A 74 18.15 -8.06 -11.11
C PRO A 74 17.35 -7.11 -11.99
N GLY A 75 17.93 -5.95 -12.29
CA GLY A 75 17.25 -4.96 -13.12
C GLY A 75 16.01 -4.33 -12.53
N ALA A 76 16.03 -4.09 -11.23
CA ALA A 76 14.89 -3.49 -10.56
C ALA A 76 14.54 -2.11 -11.10
N VAL A 77 15.54 -1.30 -11.43
CA VAL A 77 15.26 0.04 -11.95
C VAL A 77 14.54 -0.04 -13.29
N THR A 78 15.05 -0.88 -14.19
CA THR A 78 14.41 -1.02 -15.50
C THR A 78 12.98 -1.51 -15.33
N ALA A 79 12.78 -2.49 -14.47
CA ALA A 79 11.45 -3.04 -14.22
C ALA A 79 10.52 -1.98 -13.63
N THR A 80 11.05 -1.12 -12.78
CA THR A 80 10.23 -0.07 -12.17
C THR A 80 9.77 0.91 -13.25
N LEU A 81 10.66 1.21 -14.19
CA LEU A 81 10.30 2.12 -15.27
C LEU A 81 9.21 1.50 -16.15
N GLU A 82 9.25 0.17 -16.30
CA GLU A 82 8.25 -0.51 -17.09
C GLU A 82 6.90 -0.48 -16.35
N GLN A 83 6.96 -0.56 -15.03
CA GLN A 83 5.74 -0.50 -14.23
C GLN A 83 5.13 0.91 -14.33
N ILE A 84 5.98 1.92 -14.27
CA ILE A 84 5.52 3.31 -14.38
C ILE A 84 4.90 3.50 -15.77
N ASP A 85 5.55 2.95 -16.79
CA ASP A 85 5.05 3.04 -18.16
C ASP A 85 3.66 2.41 -18.27
N CYS A 86 3.47 1.30 -17.56
CA CYS A 86 2.17 0.62 -17.59
C CYS A 86 1.08 1.55 -17.05
N VAL A 87 1.37 2.23 -15.94
CA VAL A 87 0.40 3.15 -15.35
C VAL A 87 0.09 4.28 -16.32
N ARG A 88 1.14 4.84 -16.94
CA ARG A 88 0.97 5.92 -17.90
C ARG A 88 0.09 5.47 -19.07
N ARG A 89 0.33 4.27 -19.56
CA ARG A 89 -0.44 3.74 -20.67
C ARG A 89 -1.90 3.55 -20.29
N LEU A 90 -2.16 3.08 -19.07
CA LEU A 90 -3.53 2.89 -18.62
C LEU A 90 -4.26 4.23 -18.55
N ILE A 91 -3.58 5.26 -18.04
CA ILE A 91 -4.18 6.58 -17.94
C ILE A 91 -4.49 7.11 -19.34
N ASP A 92 -3.55 6.94 -20.27
CA ASP A 92 -3.72 7.42 -21.64
C ASP A 92 -4.85 6.68 -22.37
N ARG A 93 -5.02 5.40 -22.06
CA ARG A 93 -6.06 4.59 -22.71
C ARG A 93 -7.47 4.86 -22.19
N HIS A 94 -7.58 5.39 -20.98
CA HIS A 94 -8.89 5.61 -20.38
C HIS A 94 -9.08 7.02 -19.83
N PRO A 95 -8.96 8.04 -20.70
CA PRO A 95 -9.13 9.44 -20.29
C PRO A 95 -10.50 9.79 -19.73
N GLY A 96 -11.51 9.02 -20.09
CA GLY A 96 -12.84 9.29 -19.59
C GLY A 96 -13.04 8.88 -18.14
N GLU A 97 -12.24 7.92 -17.67
CA GLU A 97 -12.36 7.42 -16.32
C GLU A 97 -11.18 7.75 -15.39
N LEU A 98 -10.00 7.93 -15.97
CA LEU A 98 -8.81 8.20 -15.17
C LEU A 98 -8.15 9.54 -15.47
N ARG A 99 -7.55 10.11 -14.43
CA ARG A 99 -6.83 11.37 -14.56
C ARG A 99 -5.54 11.28 -13.77
N ALA A 100 -4.42 11.56 -14.41
CA ALA A 100 -3.14 11.51 -13.72
C ALA A 100 -3.14 12.55 -12.60
N ALA A 101 -2.61 12.18 -11.45
CA ALA A 101 -2.55 13.10 -10.31
C ALA A 101 -1.16 13.08 -9.71
N LEU A 102 -0.57 14.27 -9.58
CA LEU A 102 0.76 14.41 -9.00
C LEU A 102 0.70 15.19 -7.69
N THR A 103 -0.40 15.89 -7.47
CA THR A 103 -0.56 16.71 -6.28
C THR A 103 -1.91 16.54 -5.61
N ALA A 104 -2.03 17.08 -4.41
CA ALA A 104 -3.30 17.03 -3.68
C ALA A 104 -4.33 17.82 -4.47
N ALA A 105 -3.89 18.92 -5.09
CA ALA A 105 -4.78 19.73 -5.90
C ALA A 105 -5.30 18.92 -7.07
N ASP A 106 -4.44 18.10 -7.66
CA ASP A 106 -4.85 17.25 -8.80
C ASP A 106 -5.93 16.27 -8.35
N MET A 107 -5.79 15.77 -7.12
CA MET A 107 -6.76 14.83 -6.58
C MET A 107 -8.13 15.48 -6.49
N GLU A 108 -8.17 16.71 -5.99
CA GLU A 108 -9.44 17.41 -5.86
C GLU A 108 -10.00 17.76 -7.25
N ALA A 109 -9.12 18.09 -8.19
CA ALA A 109 -9.56 18.42 -9.54
C ALA A 109 -10.22 17.19 -10.16
N ALA A 110 -9.62 16.03 -9.93
CA ALA A 110 -10.15 14.78 -10.47
C ALA A 110 -11.53 14.51 -9.86
N ARG A 111 -11.65 14.68 -8.55
CA ARG A 111 -12.91 14.44 -7.87
C ARG A 111 -14.00 15.37 -8.38
N ALA A 112 -13.64 16.62 -8.67
CA ALA A 112 -14.59 17.61 -9.16
C ALA A 112 -15.14 17.24 -10.54
N GLU A 113 -14.32 16.59 -11.36
CA GLU A 113 -14.76 16.20 -12.70
C GLU A 113 -15.23 14.75 -12.79
N GLY A 114 -15.23 14.05 -11.68
CA GLY A 114 -15.68 12.67 -11.68
C GLY A 114 -14.74 11.64 -12.28
N ARG A 115 -13.44 11.90 -12.21
CA ARG A 115 -12.46 10.95 -12.72
C ARG A 115 -11.62 10.43 -11.57
N ILE A 116 -11.12 9.21 -11.71
CA ILE A 116 -10.30 8.61 -10.67
C ILE A 116 -8.87 9.13 -10.73
N ALA A 117 -8.48 9.86 -9.70
CA ALA A 117 -7.13 10.40 -9.63
C ALA A 117 -6.17 9.21 -9.58
N SER A 118 -5.23 9.18 -10.51
CA SER A 118 -4.29 8.08 -10.58
C SER A 118 -2.87 8.50 -10.23
N LEU A 119 -2.41 8.01 -9.07
CA LEU A 119 -1.06 8.32 -8.60
C LEU A 119 -0.23 7.06 -8.65
N MET A 120 1.05 7.18 -8.29
CA MET A 120 1.95 6.04 -8.29
C MET A 120 2.76 5.96 -7.02
N GLY A 121 3.00 4.73 -6.57
CA GLY A 121 3.79 4.50 -5.39
C GLY A 121 4.74 3.35 -5.65
N ALA A 122 6.03 3.55 -5.39
CA ALA A 122 7.03 2.51 -5.59
C ALA A 122 7.02 1.64 -4.34
N GLU A 123 7.20 0.34 -4.51
CA GLU A 123 7.18 -0.55 -3.35
C GLU A 123 8.51 -1.26 -3.11
N GLY A 124 9.39 -0.57 -2.39
CA GLY A 124 10.69 -1.13 -2.08
C GLY A 124 11.84 -0.23 -2.49
N GLY A 125 12.72 0.07 -1.54
CA GLY A 125 13.86 0.93 -1.81
C GLY A 125 14.80 0.39 -2.87
N HIS A 126 14.70 -0.91 -3.17
CA HIS A 126 15.55 -1.49 -4.19
C HIS A 126 15.27 -0.84 -5.53
N SER A 127 14.11 -0.19 -5.65
CA SER A 127 13.75 0.48 -6.89
C SER A 127 14.67 1.66 -7.21
N ILE A 128 15.45 2.13 -6.25
CA ILE A 128 16.36 3.25 -6.55
C ILE A 128 17.83 2.85 -6.68
N ASP A 129 18.13 1.57 -6.52
CA ASP A 129 19.48 1.07 -6.69
C ASP A 129 20.54 1.91 -5.94
N ASN A 130 20.28 2.18 -4.67
CA ASN A 130 21.16 2.96 -3.79
C ASN A 130 21.58 4.29 -4.39
N SER A 131 20.74 4.85 -5.26
CA SER A 131 21.04 6.11 -5.94
C SER A 131 20.01 7.21 -5.65
N LEU A 132 20.46 8.29 -5.01
CA LEU A 132 19.56 9.39 -4.70
C LEU A 132 19.07 10.07 -5.97
N ALA A 133 19.92 10.12 -7.00
CA ALA A 133 19.54 10.74 -8.26
C ALA A 133 18.42 9.90 -8.89
N THR A 134 18.48 8.59 -8.70
CA THR A 134 17.46 7.70 -9.24
C THR A 134 16.15 7.95 -8.49
N LEU A 135 16.25 8.21 -7.19
CA LEU A 135 15.07 8.51 -6.39
C LEU A 135 14.43 9.77 -6.98
N ARG A 136 15.25 10.77 -7.28
CA ARG A 136 14.74 12.01 -7.85
C ARG A 136 14.13 11.79 -9.23
N ALA A 137 14.69 10.86 -9.99
CA ALA A 137 14.16 10.55 -11.32
C ALA A 137 12.78 9.92 -11.19
N LEU A 138 12.61 9.03 -10.21
CA LEU A 138 11.31 8.39 -10.01
C LEU A 138 10.27 9.45 -9.64
N TYR A 139 10.67 10.41 -8.82
CA TYR A 139 9.74 11.48 -8.45
C TYR A 139 9.38 12.27 -9.70
N ALA A 140 10.37 12.56 -10.54
CA ALA A 140 10.13 13.32 -11.77
C ALA A 140 9.14 12.60 -12.67
N LEU A 141 9.16 11.27 -12.64
CA LEU A 141 8.27 10.46 -13.45
C LEU A 141 6.86 10.33 -12.85
N GLY A 142 6.69 10.83 -11.62
CA GLY A 142 5.37 10.78 -11.01
C GLY A 142 5.21 9.96 -9.75
N VAL A 143 6.25 9.28 -9.29
CA VAL A 143 6.13 8.48 -8.08
C VAL A 143 5.96 9.40 -6.87
N ARG A 144 4.93 9.16 -6.07
CA ARG A 144 4.65 10.02 -4.93
C ARG A 144 4.82 9.40 -3.54
N TYR A 145 5.21 8.12 -3.50
CA TYR A 145 5.53 7.46 -2.25
C TYR A 145 6.43 6.27 -2.57
N MET A 146 7.23 5.86 -1.60
CA MET A 146 8.07 4.69 -1.77
C MET A 146 8.15 3.92 -0.47
N THR A 147 7.76 2.65 -0.54
CA THR A 147 7.83 1.76 0.60
C THR A 147 9.33 1.58 0.75
N LEU A 148 9.88 1.81 1.94
CA LEU A 148 11.33 1.72 2.10
C LEU A 148 11.93 0.36 1.80
N THR A 149 11.19 -0.70 2.06
CA THR A 149 11.66 -2.06 1.74
C THR A 149 10.44 -2.86 1.32
N HIS A 150 10.69 -4.03 0.76
CA HIS A 150 9.59 -4.93 0.45
C HIS A 150 9.80 -6.05 1.47
N ASN A 151 9.71 -7.31 1.05
CA ASN A 151 9.87 -8.43 1.99
C ASN A 151 11.28 -8.74 2.50
N ASP A 152 12.30 -8.19 1.83
CA ASP A 152 13.68 -8.43 2.23
C ASP A 152 14.39 -7.12 2.58
N ASN A 153 15.42 -7.21 3.42
CA ASN A 153 16.18 -6.03 3.76
C ASN A 153 16.88 -5.54 2.50
N ASN A 154 17.21 -4.25 2.46
CA ASN A 154 18.02 -3.75 1.37
C ASN A 154 19.26 -3.24 2.12
N ALA A 155 20.21 -2.63 1.42
CA ALA A 155 21.44 -2.21 2.10
C ALA A 155 21.29 -1.15 3.18
N TRP A 156 20.22 -0.37 3.13
CA TRP A 156 20.04 0.70 4.10
C TRP A 156 18.79 0.69 4.96
N ALA A 157 17.97 -0.36 4.85
CA ALA A 157 16.75 -0.44 5.64
C ALA A 157 16.37 -1.89 5.92
N ASP A 158 15.82 -2.12 7.12
CA ASP A 158 15.41 -3.46 7.53
C ASP A 158 13.94 -3.74 7.27
N SER A 159 13.65 -4.91 6.73
CA SER A 159 12.30 -5.35 6.43
C SER A 159 11.73 -6.12 7.60
N ALA A 160 10.43 -6.03 7.81
CA ALA A 160 9.77 -6.73 8.90
C ALA A 160 9.79 -8.24 8.70
N THR A 161 9.89 -8.67 7.45
CA THR A 161 9.89 -10.09 7.14
C THR A 161 11.27 -10.66 6.80
N ASP A 162 12.31 -10.08 7.40
CA ASP A 162 13.68 -10.54 7.20
C ASP A 162 14.34 -10.45 8.58
N GLU A 163 15.56 -10.95 8.70
CA GLU A 163 16.27 -10.90 9.96
C GLU A 163 16.85 -9.50 10.14
N PRO A 164 17.19 -9.12 11.38
CA PRO A 164 17.75 -7.79 11.61
C PRO A 164 18.98 -7.57 10.72
N GLY A 165 19.10 -6.38 10.16
CA GLY A 165 20.23 -6.08 9.30
C GLY A 165 21.05 -4.92 9.83
N VAL A 166 20.65 -3.70 9.46
CA VAL A 166 21.36 -2.50 9.91
C VAL A 166 20.76 -1.93 11.19
N GLY A 167 19.68 -2.54 11.67
CA GLY A 167 19.05 -2.08 12.91
C GLY A 167 17.94 -1.05 12.75
N GLY A 168 17.40 -0.97 11.53
CA GLY A 168 16.35 0.00 11.22
C GLY A 168 16.82 0.68 9.95
N LEU A 169 17.19 1.95 10.06
CA LEU A 169 17.72 2.70 8.93
C LEU A 169 19.21 2.94 9.18
N SER A 170 20.00 2.83 8.13
CA SER A 170 21.43 3.09 8.23
C SER A 170 21.59 4.59 8.01
N ALA A 171 22.83 5.08 8.04
CA ALA A 171 23.06 6.51 7.81
C ALA A 171 22.52 6.90 6.43
N PHE A 172 22.79 6.05 5.44
CA PHE A 172 22.30 6.34 4.09
C PHE A 172 20.78 6.24 4.07
N GLY A 173 20.25 5.34 4.88
CA GLY A 173 18.80 5.18 4.95
C GLY A 173 18.15 6.46 5.42
N ARG A 174 18.78 7.12 6.39
CA ARG A 174 18.24 8.38 6.89
C ARG A 174 18.37 9.45 5.80
N GLU A 175 19.43 9.37 5.01
CA GLU A 175 19.65 10.32 3.92
C GLU A 175 18.53 10.15 2.89
N VAL A 176 18.14 8.90 2.65
CA VAL A 176 17.05 8.64 1.70
C VAL A 176 15.77 9.31 2.19
N VAL A 177 15.47 9.14 3.48
CA VAL A 177 14.27 9.75 4.04
C VAL A 177 14.34 11.28 3.91
N ARG A 178 15.51 11.85 4.18
CA ARG A 178 15.68 13.30 4.05
C ARG A 178 15.43 13.77 2.62
N GLU A 179 15.93 13.01 1.66
CA GLU A 179 15.74 13.38 0.26
C GLU A 179 14.28 13.23 -0.15
N MET A 180 13.62 12.21 0.37
CA MET A 180 12.21 12.02 0.06
C MET A 180 11.44 13.21 0.62
N ASN A 181 11.84 13.66 1.82
CA ASN A 181 11.20 14.82 2.44
C ASN A 181 11.40 16.05 1.55
N ARG A 182 12.62 16.24 1.03
CA ARG A 182 12.88 17.40 0.18
C ARG A 182 12.11 17.34 -1.14
N GLU A 183 12.04 16.16 -1.74
CA GLU A 183 11.34 16.01 -3.01
C GLU A 183 9.83 16.12 -2.88
N GLY A 184 9.32 15.66 -1.75
CA GLY A 184 7.88 15.67 -1.53
C GLY A 184 7.33 14.28 -1.75
N MET A 185 8.19 13.27 -1.65
CA MET A 185 7.74 11.88 -1.83
C MET A 185 7.41 11.32 -0.46
N LEU A 186 6.22 10.75 -0.31
CA LEU A 186 5.81 10.19 0.97
C LEU A 186 6.60 8.94 1.34
N VAL A 187 7.04 8.90 2.60
CA VAL A 187 7.77 7.77 3.13
C VAL A 187 6.72 6.73 3.53
N ASP A 188 6.77 5.57 2.90
CA ASP A 188 5.81 4.50 3.18
C ASP A 188 6.50 3.46 4.06
N LEU A 189 5.91 3.21 5.22
CA LEU A 189 6.47 2.28 6.19
C LEU A 189 5.83 0.90 6.23
N SER A 190 5.01 0.59 5.23
CA SER A 190 4.46 -0.76 5.17
C SER A 190 5.70 -1.63 4.90
N HIS A 191 5.61 -2.91 5.21
CA HIS A 191 6.71 -3.86 4.99
C HIS A 191 7.97 -3.72 5.85
N VAL A 192 8.26 -2.52 6.34
CA VAL A 192 9.48 -2.35 7.12
C VAL A 192 9.39 -2.83 8.56
N ALA A 193 10.55 -3.12 9.15
CA ALA A 193 10.62 -3.57 10.52
C ALA A 193 10.23 -2.44 11.48
N ALA A 194 9.79 -2.81 12.68
CA ALA A 194 9.39 -1.81 13.66
C ALA A 194 10.54 -0.85 13.96
N THR A 195 11.77 -1.37 13.95
CA THR A 195 12.93 -0.54 14.19
C THR A 195 13.03 0.52 13.09
N THR A 196 12.81 0.10 11.86
CA THR A 196 12.85 1.00 10.71
C THR A 196 11.75 2.05 10.83
N MET A 197 10.58 1.63 11.31
CA MET A 197 9.46 2.55 11.49
C MET A 197 9.84 3.69 12.43
N ARG A 198 10.45 3.32 13.55
CA ARG A 198 10.84 4.29 14.55
C ARG A 198 11.95 5.22 14.06
N ASP A 199 12.92 4.65 13.33
CA ASP A 199 14.01 5.44 12.78
C ASP A 199 13.46 6.43 11.75
N ALA A 200 12.51 5.98 10.94
CA ALA A 200 11.92 6.84 9.92
C ALA A 200 11.13 7.97 10.57
N LEU A 201 10.39 7.66 11.63
CA LEU A 201 9.61 8.68 12.33
C LEU A 201 10.52 9.70 13.03
N ASP A 202 11.68 9.24 13.49
CA ASP A 202 12.62 10.14 14.15
C ASP A 202 13.22 11.12 13.13
N THR A 203 13.50 10.61 11.95
CA THR A 203 14.13 11.38 10.88
C THR A 203 13.23 12.25 10.01
N SER A 204 12.08 11.73 9.64
CA SER A 204 11.19 12.46 8.75
C SER A 204 10.62 13.77 9.30
N THR A 205 10.66 14.81 8.47
CA THR A 205 10.11 16.10 8.84
C THR A 205 8.75 16.26 8.15
N ALA A 206 8.28 15.19 7.52
CA ALA A 206 6.99 15.21 6.84
C ALA A 206 6.15 14.01 7.28
N PRO A 207 4.82 14.11 7.17
CA PRO A 207 3.94 13.02 7.55
C PRO A 207 4.29 11.77 6.74
N VAL A 208 4.31 10.62 7.41
CA VAL A 208 4.63 9.36 6.73
C VAL A 208 3.34 8.57 6.57
N ILE A 209 3.38 7.51 5.77
CA ILE A 209 2.21 6.66 5.58
C ILE A 209 2.57 5.19 5.67
N PHE A 210 1.51 4.37 5.74
CA PHE A 210 1.61 2.92 5.70
C PHE A 210 0.59 2.69 4.59
N SER A 211 1.05 2.43 3.38
CA SER A 211 0.14 2.26 2.23
C SER A 211 -0.75 1.04 2.31
N HIS A 212 -0.31 0.01 3.03
CA HIS A 212 -1.11 -1.19 3.21
C HIS A 212 -0.61 -2.02 4.40
N SER A 213 -1.04 -1.62 5.59
CA SER A 213 -0.68 -2.31 6.83
C SER A 213 -1.84 -2.19 7.82
N SER A 214 -1.99 -3.21 8.66
CA SER A 214 -3.06 -3.21 9.64
C SER A 214 -2.50 -3.18 11.06
N SER A 215 -3.29 -3.61 12.04
CA SER A 215 -2.87 -3.54 13.44
C SER A 215 -2.22 -4.78 14.06
N ARG A 216 -1.02 -4.61 14.60
CA ARG A 216 -0.30 -5.71 15.22
C ARG A 216 -0.94 -6.11 16.56
N ALA A 217 -1.56 -5.14 17.24
CA ALA A 217 -2.22 -5.41 18.51
C ALA A 217 -3.43 -6.32 18.28
N VAL A 218 -4.10 -6.12 17.15
CA VAL A 218 -5.27 -6.92 16.81
C VAL A 218 -4.84 -8.28 16.25
N CYS A 219 -3.78 -8.28 15.45
CA CYS A 219 -3.24 -9.50 14.85
C CYS A 219 -1.72 -9.40 14.84
N ASP A 220 -1.08 -10.16 15.73
CA ASP A 220 0.37 -10.13 15.84
C ASP A 220 1.09 -10.76 14.65
N HIS A 221 1.53 -9.91 13.72
CA HIS A 221 2.27 -10.32 12.54
C HIS A 221 3.18 -9.14 12.23
N PRO A 222 4.43 -9.41 11.82
CA PRO A 222 5.37 -8.33 11.51
C PRO A 222 4.94 -7.32 10.45
N ARG A 223 4.03 -7.72 9.57
CA ARG A 223 3.56 -6.80 8.54
C ARG A 223 2.58 -5.76 9.07
N ASN A 224 2.10 -5.96 10.29
CA ASN A 224 1.17 -5.01 10.91
C ASN A 224 1.92 -4.00 11.78
N ILE A 225 1.23 -2.93 12.14
CA ILE A 225 1.81 -1.84 12.91
C ILE A 225 1.63 -1.92 14.42
N PRO A 226 2.72 -1.75 15.19
CA PRO A 226 2.66 -1.80 16.66
C PRO A 226 1.96 -0.55 17.21
N ASP A 227 1.28 -0.69 18.34
CA ASP A 227 0.60 0.44 18.94
C ASP A 227 1.50 1.64 19.21
N ASP A 228 2.74 1.39 19.66
CA ASP A 228 3.65 2.49 19.96
C ASP A 228 3.95 3.33 18.72
N VAL A 229 3.91 2.69 17.55
CA VAL A 229 4.17 3.40 16.31
C VAL A 229 2.91 4.17 15.90
N LEU A 230 1.75 3.54 16.07
CA LEU A 230 0.49 4.20 15.75
C LEU A 230 0.31 5.45 16.60
N GLU A 231 0.74 5.39 17.86
CA GLU A 231 0.63 6.52 18.77
C GLU A 231 1.42 7.73 18.30
N ARG A 232 2.49 7.49 17.55
CA ARG A 232 3.33 8.58 17.05
C ARG A 232 2.78 9.26 15.80
N LEU A 233 1.75 8.68 15.20
CA LEU A 233 1.17 9.26 13.98
C LEU A 233 0.55 10.64 14.13
N SER A 234 -0.13 10.88 15.25
CA SER A 234 -0.76 12.18 15.46
C SER A 234 0.29 13.29 15.44
N ALA A 235 1.41 13.05 16.12
CA ALA A 235 2.48 14.03 16.18
C ALA A 235 3.13 14.19 14.81
N ASN A 236 3.34 13.07 14.13
CA ASN A 236 3.95 13.09 12.81
C ASN A 236 3.01 13.63 11.74
N GLY A 237 1.70 13.45 11.96
CA GLY A 237 0.71 13.92 11.03
C GLY A 237 0.37 12.95 9.92
N GLY A 238 0.99 11.77 9.96
CA GLY A 238 0.77 10.76 8.93
C GLY A 238 -0.48 9.92 9.06
N MET A 239 -0.53 8.82 8.31
CA MET A 239 -1.69 7.95 8.35
C MET A 239 -1.38 6.50 8.01
N ALA A 240 -2.16 5.60 8.62
CA ALA A 240 -2.01 4.17 8.42
C ALA A 240 -3.20 3.72 7.57
N MET A 241 -2.91 3.20 6.39
CA MET A 241 -3.96 2.74 5.49
C MET A 241 -4.14 1.24 5.66
N VAL A 242 -5.23 0.88 6.33
CA VAL A 242 -5.53 -0.52 6.62
C VAL A 242 -5.61 -1.40 5.39
N THR A 243 -5.07 -2.61 5.49
CA THR A 243 -5.12 -3.52 4.35
C THR A 243 -6.04 -4.70 4.62
N PHE A 244 -6.42 -5.40 3.56
CA PHE A 244 -7.36 -6.52 3.66
C PHE A 244 -6.76 -7.91 3.65
N VAL A 245 -5.46 -8.02 3.39
CA VAL A 245 -4.79 -9.32 3.33
C VAL A 245 -5.21 -10.23 4.48
N PRO A 246 -5.97 -11.31 4.17
CA PRO A 246 -6.43 -12.23 5.22
C PRO A 246 -5.35 -12.77 6.15
N LYS A 247 -4.23 -13.20 5.60
CA LYS A 247 -3.15 -13.74 6.41
C LYS A 247 -2.49 -12.70 7.32
N PHE A 248 -2.99 -11.46 7.27
CA PHE A 248 -2.46 -10.40 8.13
C PHE A 248 -3.52 -9.92 9.11
N VAL A 249 -4.78 -9.89 8.67
CA VAL A 249 -5.87 -9.39 9.50
C VAL A 249 -6.68 -10.40 10.32
N LEU A 250 -6.76 -11.64 9.86
CA LEU A 250 -7.52 -12.66 10.57
C LEU A 250 -6.58 -13.55 11.37
N GLN A 251 -6.78 -13.61 12.68
CA GLN A 251 -5.93 -14.42 13.53
C GLN A 251 -5.82 -15.86 13.03
N ALA A 252 -6.96 -16.47 12.71
CA ALA A 252 -6.97 -17.84 12.22
C ALA A 252 -6.11 -18.00 10.96
N ALA A 253 -6.09 -16.97 10.11
CA ALA A 253 -5.31 -17.01 8.88
C ALA A 253 -3.83 -16.88 9.17
N VAL A 254 -3.48 -16.03 10.13
CA VAL A 254 -2.08 -15.86 10.50
C VAL A 254 -1.56 -17.19 11.02
N ASP A 255 -2.34 -17.83 11.90
CA ASP A 255 -1.95 -19.11 12.47
C ASP A 255 -1.89 -20.22 11.40
N TRP A 256 -2.87 -20.22 10.51
CA TRP A 256 -2.94 -21.22 9.44
C TRP A 256 -1.69 -21.13 8.56
N THR A 257 -1.35 -19.91 8.15
CA THR A 257 -0.18 -19.70 7.31
C THR A 257 1.11 -20.11 8.01
N ALA A 258 1.19 -19.87 9.31
CA ALA A 258 2.38 -20.24 10.07
C ALA A 258 2.49 -21.75 10.10
N GLU A 259 1.36 -22.43 10.29
CA GLU A 259 1.36 -23.89 10.32
C GLU A 259 1.64 -24.46 8.92
N ALA A 260 1.16 -23.77 7.88
CA ALA A 260 1.39 -24.22 6.52
C ALA A 260 2.88 -24.10 6.22
N ASP A 261 3.48 -22.99 6.64
CA ASP A 261 4.91 -22.78 6.43
C ASP A 261 5.73 -23.83 7.18
N ASP A 262 5.33 -24.14 8.41
CA ASP A 262 6.05 -25.14 9.19
C ASP A 262 5.95 -26.49 8.50
N ASN A 263 4.77 -26.80 7.98
CA ASN A 263 4.55 -28.07 7.30
C ASN A 263 5.46 -28.18 6.07
N MET A 264 5.64 -27.07 5.35
CA MET A 264 6.50 -27.08 4.19
C MET A 264 7.93 -27.42 4.59
N ARG A 265 8.41 -26.75 5.64
CA ARG A 265 9.77 -26.99 6.12
C ARG A 265 9.90 -28.41 6.65
N ALA A 266 8.80 -28.96 7.17
CA ALA A 266 8.81 -30.32 7.71
C ALA A 266 9.08 -31.32 6.60
N HIS A 267 8.80 -30.93 5.36
CA HIS A 267 9.02 -31.79 4.21
C HIS A 267 10.31 -31.41 3.47
N GLY A 268 11.13 -30.58 4.10
CA GLY A 268 12.39 -30.17 3.51
C GLY A 268 12.31 -29.08 2.46
N PHE A 269 11.19 -28.35 2.42
CA PHE A 269 11.01 -27.28 1.45
C PHE A 269 11.02 -25.90 2.11
N HIS A 270 11.55 -24.92 1.39
CA HIS A 270 11.55 -23.54 1.90
C HIS A 270 10.08 -23.18 1.80
N HIS A 271 9.55 -22.43 2.77
CA HIS A 271 8.13 -22.09 2.73
C HIS A 271 7.66 -21.35 1.49
N LEU A 272 8.61 -20.81 0.72
CA LEU A 272 8.26 -20.09 -0.49
C LEU A 272 8.48 -20.92 -1.77
N ASP A 273 8.92 -22.16 -1.59
CA ASP A 273 9.17 -23.05 -2.72
C ASP A 273 7.87 -23.25 -3.51
N SER A 274 7.92 -23.01 -4.82
CA SER A 274 6.74 -23.15 -5.65
C SER A 274 6.81 -24.29 -6.67
N SER A 275 7.72 -25.23 -6.44
CA SER A 275 7.88 -26.36 -7.35
C SER A 275 6.67 -27.28 -7.25
N PRO A 276 6.43 -28.11 -8.27
CA PRO A 276 5.29 -29.03 -8.26
C PRO A 276 5.28 -29.92 -7.02
N GLU A 277 6.47 -30.34 -6.59
CA GLU A 277 6.61 -31.20 -5.41
C GLU A 277 6.17 -30.45 -4.16
N ALA A 278 6.58 -29.18 -4.05
CA ALA A 278 6.23 -28.36 -2.90
C ALA A 278 4.73 -28.10 -2.88
N MET A 279 4.17 -27.87 -4.06
CA MET A 279 2.73 -27.60 -4.17
C MET A 279 1.92 -28.80 -3.73
N LYS A 280 2.45 -30.00 -3.96
CA LYS A 280 1.75 -31.23 -3.56
C LYS A 280 1.64 -31.27 -2.04
N VAL A 281 2.73 -30.91 -1.38
CA VAL A 281 2.78 -30.90 0.08
C VAL A 281 1.78 -29.89 0.64
N HIS A 282 1.75 -28.70 0.06
CA HIS A 282 0.83 -27.68 0.54
C HIS A 282 -0.62 -28.07 0.30
N ALA A 283 -0.88 -28.68 -0.87
CA ALA A 283 -2.23 -29.11 -1.21
C ALA A 283 -2.73 -30.11 -0.16
N ALA A 284 -1.83 -30.98 0.28
CA ALA A 284 -2.17 -31.99 1.28
C ALA A 284 -2.52 -31.32 2.61
N PHE A 285 -1.80 -30.27 2.95
CA PHE A 285 -2.06 -29.54 4.19
C PHE A 285 -3.44 -28.90 4.14
N GLU A 286 -3.73 -28.21 3.04
CA GLU A 286 -5.02 -27.54 2.92
C GLU A 286 -6.16 -28.56 2.90
N GLU A 287 -5.85 -29.77 2.45
CA GLU A 287 -6.84 -30.83 2.41
C GLU A 287 -7.29 -31.21 3.81
N ARG A 288 -6.35 -31.29 4.75
CA ARG A 288 -6.72 -31.64 6.11
C ARG A 288 -7.03 -30.42 6.97
N VAL A 289 -6.62 -29.24 6.50
CA VAL A 289 -6.88 -28.00 7.23
C VAL A 289 -7.30 -26.90 6.25
N PRO A 290 -8.60 -26.72 6.03
CA PRO A 290 -9.11 -25.70 5.11
C PRO A 290 -8.62 -24.29 5.46
N ARG A 291 -8.40 -23.48 4.42
CA ARG A 291 -7.95 -22.10 4.60
C ARG A 291 -9.07 -21.27 5.24
N PRO A 292 -8.78 -20.60 6.37
CA PRO A 292 -9.80 -19.78 7.02
C PRO A 292 -10.14 -18.56 6.18
N VAL A 293 -11.38 -18.10 6.28
CA VAL A 293 -11.84 -16.96 5.50
C VAL A 293 -12.17 -15.75 6.37
N ALA A 294 -11.59 -14.61 6.02
CA ALA A 294 -11.83 -13.37 6.76
C ALA A 294 -13.10 -12.71 6.23
N THR A 295 -13.58 -11.68 6.94
CA THR A 295 -14.79 -10.97 6.54
C THR A 295 -14.59 -9.47 6.70
N VAL A 296 -15.62 -8.71 6.34
CA VAL A 296 -15.58 -7.26 6.47
C VAL A 296 -15.39 -6.92 7.95
N SER A 297 -16.02 -7.70 8.81
CA SER A 297 -15.92 -7.49 10.25
C SER A 297 -14.46 -7.59 10.71
N THR A 298 -13.71 -8.49 10.10
CA THR A 298 -12.31 -8.66 10.47
C THR A 298 -11.54 -7.35 10.23
N VAL A 299 -11.76 -6.76 9.06
CA VAL A 299 -11.09 -5.50 8.72
C VAL A 299 -11.57 -4.38 9.62
N ALA A 300 -12.87 -4.33 9.90
CA ALA A 300 -13.42 -3.30 10.76
C ALA A 300 -12.81 -3.39 12.15
N ASP A 301 -12.50 -4.60 12.60
CA ASP A 301 -11.88 -4.77 13.92
C ASP A 301 -10.55 -4.02 13.96
N HIS A 302 -9.79 -4.09 12.87
CA HIS A 302 -8.51 -3.39 12.83
C HIS A 302 -8.72 -1.89 12.83
N LEU A 303 -9.65 -1.40 12.03
CA LEU A 303 -9.90 0.04 11.98
C LEU A 303 -10.38 0.59 13.31
N ASP A 304 -11.20 -0.18 14.03
CA ASP A 304 -11.68 0.29 15.33
C ASP A 304 -10.50 0.52 16.27
N HIS A 305 -9.59 -0.44 16.34
CA HIS A 305 -8.44 -0.31 17.23
C HIS A 305 -7.48 0.78 16.74
N MET A 306 -7.25 0.82 15.43
CA MET A 306 -6.37 1.83 14.87
C MET A 306 -6.91 3.23 15.14
N ARG A 307 -8.23 3.38 15.11
CA ARG A 307 -8.84 4.67 15.38
C ARG A 307 -8.62 5.07 16.84
N GLU A 308 -8.75 4.10 17.73
CA GLU A 308 -8.57 4.34 19.16
C GLU A 308 -7.14 4.78 19.48
N VAL A 309 -6.16 4.12 18.88
CA VAL A 309 -4.77 4.43 19.15
C VAL A 309 -4.17 5.58 18.32
N ALA A 310 -4.39 5.53 17.01
CA ALA A 310 -3.84 6.56 16.12
C ALA A 310 -4.69 7.81 15.97
N GLY A 311 -6.01 7.65 16.04
CA GLY A 311 -6.90 8.79 15.87
C GLY A 311 -7.52 8.75 14.49
N VAL A 312 -8.78 9.18 14.39
CA VAL A 312 -9.51 9.15 13.13
C VAL A 312 -8.85 9.96 12.00
N ASP A 313 -8.05 10.95 12.36
CA ASP A 313 -7.38 11.79 11.36
C ASP A 313 -6.13 11.13 10.80
N HIS A 314 -5.81 9.94 11.27
CA HIS A 314 -4.60 9.25 10.83
C HIS A 314 -4.84 7.86 10.27
N LEU A 315 -5.98 7.70 9.61
CA LEU A 315 -6.38 6.41 9.03
C LEU A 315 -6.73 6.54 7.56
N GLY A 316 -6.52 5.44 6.83
CA GLY A 316 -6.83 5.39 5.41
C GLY A 316 -7.11 3.94 5.05
N ILE A 317 -7.21 3.67 3.75
CA ILE A 317 -7.48 2.32 3.27
C ILE A 317 -6.52 1.97 2.13
N GLY A 318 -5.91 0.79 2.23
CA GLY A 318 -4.99 0.31 1.20
C GLY A 318 -5.29 -1.16 1.01
N GLY A 319 -6.26 -1.45 0.15
CA GLY A 319 -6.70 -2.83 -0.07
C GLY A 319 -5.73 -3.90 -0.50
N ASP A 320 -4.72 -3.53 -1.27
CA ASP A 320 -3.72 -4.47 -1.80
C ASP A 320 -4.34 -5.34 -2.89
N TYR A 321 -5.38 -4.83 -3.54
CA TYR A 321 -6.01 -5.59 -4.61
C TYR A 321 -5.03 -5.85 -5.73
N ASP A 322 -5.16 -7.05 -6.30
CA ASP A 322 -4.30 -7.55 -7.37
C ASP A 322 -2.85 -7.75 -6.96
N GLY A 323 -2.59 -7.67 -5.66
CA GLY A 323 -1.24 -7.85 -5.15
C GLY A 323 -1.18 -9.08 -4.25
N THR A 324 -2.35 -9.59 -3.90
CA THR A 324 -2.47 -10.75 -3.03
C THR A 324 -3.57 -11.66 -3.61
N PRO A 325 -3.42 -12.99 -3.47
CA PRO A 325 -4.40 -13.93 -4.00
C PRO A 325 -5.75 -14.09 -3.31
N PHE A 326 -5.78 -13.93 -2.00
CA PHE A 326 -7.01 -14.11 -1.25
C PHE A 326 -7.57 -12.82 -0.67
N THR A 327 -8.89 -12.79 -0.53
CA THR A 327 -9.61 -11.63 -0.02
C THR A 327 -10.68 -11.99 0.99
N PRO A 328 -11.06 -11.03 1.85
CA PRO A 328 -12.09 -11.30 2.85
C PRO A 328 -13.45 -11.38 2.14
N ASP A 329 -14.39 -12.13 2.70
CA ASP A 329 -15.72 -12.19 2.09
C ASP A 329 -16.29 -10.78 2.22
N GLY A 330 -16.94 -10.31 1.16
CA GLY A 330 -17.50 -8.97 1.20
C GLY A 330 -16.54 -7.95 0.62
N LEU A 331 -15.28 -8.36 0.48
CA LEU A 331 -14.24 -7.50 -0.07
C LEU A 331 -13.48 -8.28 -1.14
N GLY A 332 -14.22 -9.08 -1.91
CA GLY A 332 -13.65 -9.90 -2.96
C GLY A 332 -12.90 -9.21 -4.09
N ASP A 333 -13.25 -7.96 -4.37
CA ASP A 333 -12.58 -7.18 -5.39
C ASP A 333 -12.76 -5.69 -5.09
N VAL A 334 -12.30 -4.83 -5.99
CA VAL A 334 -12.39 -3.39 -5.76
C VAL A 334 -13.79 -2.79 -5.64
N SER A 335 -14.82 -3.59 -5.89
CA SER A 335 -16.19 -3.08 -5.77
C SER A 335 -16.73 -3.24 -4.35
N GLY A 336 -15.93 -3.84 -3.48
CA GLY A 336 -16.39 -4.09 -2.12
C GLY A 336 -16.34 -3.02 -1.05
N TYR A 337 -15.62 -1.92 -1.28
CA TYR A 337 -15.51 -0.88 -0.26
C TYR A 337 -16.80 -0.46 0.45
N PRO A 338 -17.91 -0.32 -0.30
CA PRO A 338 -19.16 0.06 0.37
C PRO A 338 -19.55 -0.87 1.52
N ASN A 339 -19.21 -2.15 1.40
CA ASN A 339 -19.54 -3.09 2.46
C ASN A 339 -18.78 -2.75 3.74
N LEU A 340 -17.53 -2.30 3.59
CA LEU A 340 -16.73 -1.93 4.76
C LEU A 340 -17.30 -0.66 5.39
N ILE A 341 -17.63 0.33 4.56
CA ILE A 341 -18.18 1.57 5.06
C ILE A 341 -19.51 1.31 5.78
N ALA A 342 -20.32 0.40 5.23
CA ALA A 342 -21.60 0.07 5.85
C ALA A 342 -21.38 -0.53 7.23
N GLU A 343 -20.40 -1.41 7.36
CA GLU A 343 -20.09 -2.04 8.64
C GLU A 343 -19.65 -0.99 9.65
N LEU A 344 -18.83 -0.04 9.21
CA LEU A 344 -18.36 1.01 10.12
C LEU A 344 -19.53 1.88 10.56
N LEU A 345 -20.47 2.14 9.64
CA LEU A 345 -21.66 2.93 10.00
C LEU A 345 -22.42 2.18 11.09
N ASP A 346 -22.53 0.86 10.94
CA ASP A 346 -23.25 0.06 11.93
C ASP A 346 -22.54 0.07 13.27
N ARG A 347 -21.23 0.35 13.24
CA ARG A 347 -20.44 0.40 14.47
C ARG A 347 -20.40 1.79 15.08
N GLY A 348 -21.13 2.73 14.47
CA GLY A 348 -21.17 4.08 15.01
C GLY A 348 -20.23 5.13 14.43
N TRP A 349 -19.48 4.79 13.39
CA TRP A 349 -18.58 5.78 12.80
C TRP A 349 -19.44 6.88 12.20
N SER A 350 -19.03 8.13 12.38
CA SER A 350 -19.79 9.27 11.86
C SER A 350 -19.49 9.52 10.39
N GLN A 351 -20.33 10.32 9.75
CA GLN A 351 -20.13 10.63 8.34
C GLN A 351 -18.81 11.37 8.15
N SER A 352 -18.47 12.27 9.08
CA SER A 352 -17.22 13.00 8.95
C SER A 352 -16.02 12.09 9.23
N ASP A 353 -16.19 11.12 10.15
CA ASP A 353 -15.12 10.17 10.44
C ASP A 353 -14.81 9.42 9.16
N LEU A 354 -15.87 8.97 8.49
CA LEU A 354 -15.72 8.20 7.26
C LEU A 354 -15.16 9.01 6.09
N ALA A 355 -15.48 10.29 6.02
CA ALA A 355 -14.96 11.12 4.93
C ALA A 355 -13.46 11.30 5.10
N LYS A 356 -12.99 11.29 6.35
CA LYS A 356 -11.57 11.42 6.64
C LYS A 356 -10.87 10.13 6.24
N LEU A 357 -11.47 9.00 6.64
CA LEU A 357 -10.92 7.69 6.34
C LEU A 357 -10.77 7.44 4.86
N THR A 358 -11.79 7.80 4.09
CA THR A 358 -11.76 7.57 2.66
C THR A 358 -11.00 8.60 1.85
N TRP A 359 -11.32 9.87 2.05
CA TRP A 359 -10.73 10.93 1.25
C TRP A 359 -9.86 12.01 1.89
N LYS A 360 -10.39 12.69 2.89
CA LYS A 360 -9.70 13.81 3.50
C LYS A 360 -8.32 13.61 4.11
N ASN A 361 -8.09 12.50 4.80
CA ASN A 361 -6.78 12.30 5.40
C ASN A 361 -5.69 12.17 4.34
N ALA A 362 -5.97 11.39 3.30
CA ALA A 362 -5.00 11.19 2.23
C ALA A 362 -4.61 12.49 1.52
N VAL A 363 -5.60 13.34 1.25
CA VAL A 363 -5.32 14.61 0.58
C VAL A 363 -4.52 15.53 1.51
N ARG A 364 -4.85 15.54 2.79
CA ARG A 364 -4.12 16.37 3.75
C ARG A 364 -2.67 15.95 3.81
N VAL A 365 -2.43 14.65 3.89
CA VAL A 365 -1.08 14.13 3.99
C VAL A 365 -0.23 14.44 2.76
N LEU A 366 -0.78 14.30 1.56
CA LEU A 366 0.01 14.60 0.37
C LEU A 366 0.29 16.10 0.32
N ASP A 367 -0.70 16.91 0.71
CA ASP A 367 -0.52 18.36 0.72
C ASP A 367 0.61 18.71 1.69
N ALA A 368 0.64 18.03 2.83
CA ALA A 368 1.67 18.28 3.84
C ALA A 368 3.05 17.96 3.30
N ALA A 369 3.17 16.86 2.55
CA ALA A 369 4.44 16.48 1.97
C ALA A 369 4.91 17.58 1.02
N GLU A 370 3.96 18.14 0.27
CA GLU A 370 4.27 19.22 -0.67
C GLU A 370 4.74 20.46 0.07
N ASP A 371 4.09 20.75 1.19
CA ASP A 371 4.41 21.91 2.01
C ASP A 371 5.82 21.77 2.59
N VAL A 372 6.13 20.60 3.13
CA VAL A 372 7.45 20.37 3.70
C VAL A 372 8.50 20.48 2.58
N SER A 373 8.18 19.94 1.40
CA SER A 373 9.08 19.99 0.27
C SER A 373 9.39 21.43 -0.15
N ARG A 374 8.37 22.29 -0.17
CA ARG A 374 8.60 23.68 -0.56
C ARG A 374 9.65 24.32 0.34
N GLY A 375 9.55 24.06 1.64
CA GLY A 375 10.50 24.63 2.58
C GLY A 375 11.90 24.09 2.41
N LEU A 376 12.03 22.78 2.25
CA LEU A 376 13.34 22.16 2.10
C LEU A 376 14.00 22.49 0.76
N ARG A 377 13.22 22.57 -0.31
CA ARG A 377 13.80 22.89 -1.62
C ARG A 377 14.34 24.32 -1.65
N ALA A 378 13.71 25.20 -0.86
CA ALA A 378 14.16 26.59 -0.81
C ALA A 378 15.34 26.75 0.14
N ALA A 379 15.47 25.83 1.10
CA ALA A 379 16.53 25.89 2.09
C ALA A 379 17.87 25.30 1.68
N ARG A 380 17.85 24.28 0.83
CA ARG A 380 19.08 23.65 0.39
C ARG A 380 18.92 22.98 -0.97
N GLY A 381 20.03 22.55 -1.53
CA GLY A 381 19.99 21.86 -2.80
C GLY A 381 19.86 20.37 -2.54
N PRO A 382 19.71 19.56 -3.61
CA PRO A 382 19.58 18.11 -3.47
C PRO A 382 20.87 17.48 -2.97
N SER A 383 20.75 16.31 -2.36
CA SER A 383 21.92 15.61 -1.84
C SER A 383 22.66 14.84 -2.91
N ASN A 384 23.99 14.86 -2.82
CA ASN A 384 24.85 14.17 -3.77
C ASN A 384 25.59 13.05 -3.04
N ALA A 385 25.12 12.72 -1.83
CA ALA A 385 25.75 11.68 -1.03
C ALA A 385 25.60 10.27 -1.60
N THR A 386 26.57 9.42 -1.31
CA THR A 386 26.55 8.03 -1.78
C THR A 386 26.46 7.10 -0.58
N ILE A 387 26.06 5.86 -0.81
CA ILE A 387 25.95 4.91 0.29
C ILE A 387 27.33 4.57 0.84
N GLU A 388 28.35 4.64 -0.02
CA GLU A 388 29.72 4.36 0.40
C GLU A 388 30.19 5.41 1.40
N GLN A 389 29.88 6.67 1.10
CA GLN A 389 30.28 7.78 1.97
C GLN A 389 29.63 7.72 3.34
N LEU A 390 28.32 7.46 3.36
CA LEU A 390 27.58 7.44 4.62
C LEU A 390 27.61 6.13 5.40
N ASP A 391 27.62 4.99 4.69
CA ASP A 391 27.63 3.69 5.35
C ASP A 391 28.98 2.99 5.30
#